data_1YN2
#
_entry.id   1YN2
#
loop_
_entity.id
_entity.type
_entity.pdbx_description
1 polymer 'VS RIBOZYME STEM-LOOP V'
2 non-polymer 'MANGANESE (II) ION'
3 water water
#
_entity_poly.entity_id   1
_entity_poly.type   'polyribonucleotide'
_entity_poly.pdbx_seq_one_letter_code
;GCGAGUUGACUACUCGC
;
_entity_poly.pdbx_strand_id   A
#
loop_
_chem_comp.id
_chem_comp.type
_chem_comp.name
_chem_comp.formula
A RNA linking ADENOSINE-5'-MONOPHOSPHATE 'C10 H14 N5 O7 P'
C RNA linking CYTIDINE-5'-MONOPHOSPHATE 'C9 H14 N3 O8 P'
G RNA linking GUANOSINE-5'-MONOPHOSPHATE 'C10 H14 N5 O8 P'
MN non-polymer 'MANGANESE (II) ION' 'Mn 2'
U RNA linking URIDINE-5'-MONOPHOSPHATE 'C9 H13 N2 O9 P'
#
# COMPACT_ATOMS: atom_id res chain seq x y z
MN MN B . -1.66 -3.62 -7.28
MN MN C . -9.69 0.58 0.02
MN MN D . 5.90 1.23 -0.56
MN MN E . 5.28 1.40 7.84
MN MN B . -2.78 -3.89 -6.78
MN MN C . -9.78 0.51 -0.49
MN MN D . 5.68 1.49 -0.61
MN MN E . 5.57 0.76 7.73
MN MN B . -0.80 -2.98 -7.51
MN MN C . -8.94 -0.38 0.49
MN MN D . 5.02 2.95 1.49
MN MN E . 5.08 2.26 7.67
MN MN B . -0.60 -3.20 -6.54
MN MN C . -9.42 1.09 0.31
MN MN D . 6.20 2.05 0.36
MN MN E . 4.61 3.04 8.89
MN MN B . -0.42 -2.52 -8.10
MN MN C . -8.63 -0.81 0.62
MN MN D . 4.60 2.86 0.79
MN MN E . 5.76 2.23 7.31
MN MN B . -1.97 -3.77 -7.97
MN MN C . -8.94 -1.10 -1.66
MN MN D . 5.25 1.07 0.06
MN MN E . 5.88 1.66 6.06
MN MN B . -1.36 -4.26 -7.20
MN MN C . -8.75 0.28 0.40
MN MN D . 6.20 -0.68 -1.37
MN MN E . 5.03 1.73 9.28
MN MN B . -2.01 -3.01 -7.46
MN MN C . -10.66 3.15 0.76
MN MN D . 6.18 1.37 -2.30
MN MN E . 5.21 1.36 8.60
MN MN B . -2.21 -3.53 -6.45
MN MN C . -9.38 1.28 -0.55
MN MN D . 6.30 2.00 1.44
MN MN E . 4.92 0.64 7.53
MN MN B . -1.67 -3.53 -7.47
MN MN C . -10.66 2.50 -1.28
MN MN D . 6.20 1.92 -0.57
MN MN E . 5.32 -0.20 7.58
MN MN B . -2.16 -4.72 -7.84
MN MN C . -9.08 0.06 0.18
MN MN D . 6.08 -0.80 -2.76
MN MN E . 5.32 1.54 7.35
#